data_2OG5
#
_entry.id   2OG5
#
_cell.length_a   91.610
_cell.length_b   91.610
_cell.length_c   90.878
_cell.angle_alpha   90.00
_cell.angle_beta   90.00
_cell.angle_gamma   120.00
#
_symmetry.space_group_name_H-M   'P 31 2 1'
#
loop_
_entity.id
_entity.type
_entity.pdbx_description
1 polymer 'Putative oxygenase'
2 non-polymer 'SODIUM ION'
3 non-polymer 'ACETIC ACID'
4 water water
#
_entity_poly.entity_id   1
_entity_poly.type   'polypeptide(L)'
_entity_poly.pdbx_seq_one_letter_code
;MKHHHHHHHSDYDIPTTENLYFQGSAANAAGPASRYDVTLDQSDAELVEEIAWKLATQATGRPDDAEWVEAARNAWHAWP
ATLRRDLAGFRRDSGPDGAIVLRGLPVDSMGLPPTPRVNGSVQREASLGAAVLLMTACGLGDPGAFLPEKNGALVQDVVP
VPGMEEFQGNAGSTLLTFHNENAFHEHRPDFVMLLCLRADPTGRAGLRTACVRRVLPLLSDSTVDALWAPEFRTAPPPSF
QLSGPEEAPAPVLLGDRSDPDLRVDLAATEPVTERAAEALRELQAHFDATAVTHRLLPGELAIVDNRVTVHGRTEFTPRY
DGTDRWLQRTFVLTDLRRSRAMRPADGYVLGAAPQPA
;
_entity_poly.pdbx_strand_id   A
#
loop_
_chem_comp.id
_chem_comp.type
_chem_comp.name
_chem_comp.formula
ACY non-polymer 'ACETIC ACID' 'C2 H4 O2'
NA non-polymer 'SODIUM ION' 'Na 1'
#
# COMPACT_ATOMS: atom_id res chain seq x y z
N SER A 34 1.39 21.81 -1.80
CA SER A 34 0.39 20.79 -2.22
C SER A 34 -0.23 20.10 -1.01
N ARG A 35 -1.56 19.98 -1.00
CA ARG A 35 -2.22 19.23 0.06
C ARG A 35 -2.07 17.71 -0.08
N TYR A 36 -1.26 17.26 -1.05
CA TYR A 36 -0.92 15.83 -1.17
C TYR A 36 0.54 15.56 -0.80
N ASP A 37 1.20 16.57 -0.24
CA ASP A 37 2.56 16.43 0.25
C ASP A 37 2.64 17.27 1.52
N VAL A 38 2.50 16.60 2.66
CA VAL A 38 2.36 17.27 3.95
C VAL A 38 3.56 17.00 4.82
N THR A 39 4.27 18.06 5.21
CA THR A 39 5.35 17.92 6.18
C THR A 39 4.81 18.36 7.53
N LEU A 40 4.91 17.49 8.51
CA LEU A 40 4.48 17.83 9.87
C LEU A 40 5.35 18.97 10.40
N ASP A 41 4.74 19.96 11.05
CA ASP A 41 5.53 20.96 11.74
C ASP A 41 6.04 20.35 13.04
N GLN A 42 6.99 21.03 13.69
CA GLN A 42 7.68 20.44 14.84
C GLN A 42 6.71 20.07 15.95
N SER A 43 5.76 20.96 16.21
CA SER A 43 4.77 20.76 17.26
C SER A 43 3.96 19.48 17.03
N ASP A 44 3.43 19.35 15.82
CA ASP A 44 2.65 18.17 15.46
C ASP A 44 3.49 16.89 15.44
N ALA A 45 4.73 16.98 14.95
CA ALA A 45 5.64 15.84 14.92
C ALA A 45 5.95 15.34 16.34
N GLU A 46 6.15 16.27 17.26
CA GLU A 46 6.39 15.92 18.66
C GLU A 46 5.19 15.25 19.33
N LEU A 47 3.99 15.75 19.02
CA LEU A 47 2.77 15.20 19.60
C LEU A 47 2.53 13.77 19.10
N VAL A 48 2.65 13.56 17.79
CA VAL A 48 2.47 12.22 17.22
C VAL A 48 3.53 11.26 17.78
N GLU A 49 4.76 11.74 17.95
CA GLU A 49 5.83 10.94 18.55
C GLU A 49 5.44 10.49 19.97
N GLU A 50 4.93 11.43 20.76
CA GLU A 50 4.49 11.12 22.12
C GLU A 50 3.38 10.08 22.12
N ILE A 51 2.40 10.28 21.25
CA ILE A 51 1.27 9.37 21.14
C ILE A 51 1.71 7.97 20.70
N ALA A 52 2.58 7.92 19.68
CA ALA A 52 3.07 6.65 19.15
C ALA A 52 3.88 5.89 20.19
N TRP A 53 4.76 6.58 20.92
CA TRP A 53 5.56 5.92 21.95
C TRP A 53 4.69 5.38 23.09
N LYS A 54 3.69 6.16 23.50
CA LYS A 54 2.76 5.71 24.54
C LYS A 54 2.01 4.45 24.12
N LEU A 55 1.51 4.44 22.89
CA LEU A 55 0.85 3.25 22.35
C LEU A 55 1.80 2.06 22.30
N ALA A 56 2.97 2.27 21.73
CA ALA A 56 3.96 1.19 21.54
C ALA A 56 4.43 0.57 22.86
N THR A 57 4.55 1.39 23.90
CA THR A 57 5.13 0.92 25.17
C THR A 57 4.11 0.56 26.24
N GLN A 58 2.91 1.16 26.19
CA GLN A 58 1.93 0.99 27.27
C GLN A 58 0.73 0.11 26.92
N ALA A 59 0.35 0.04 25.64
CA ALA A 59 -0.84 -0.73 25.28
C ALA A 59 -0.64 -2.22 25.54
N THR A 60 -1.66 -2.89 26.07
CA THR A 60 -1.60 -4.32 26.33
C THR A 60 -1.74 -5.08 25.01
N GLY A 61 -1.13 -6.27 24.96
CA GLY A 61 -1.17 -7.11 23.78
C GLY A 61 -0.14 -6.70 22.75
N ARG A 62 -0.38 -7.12 21.51
CA ARG A 62 0.55 -6.86 20.42
C ARG A 62 -0.27 -6.49 19.19
N PRO A 63 0.37 -5.85 18.19
CA PRO A 63 -0.34 -5.29 17.05
C PRO A 63 -1.44 -6.11 16.37
N ASP A 64 -1.28 -7.43 16.24
CA ASP A 64 -2.32 -8.24 15.59
C ASP A 64 -3.52 -8.55 16.48
N ASP A 65 -3.42 -8.21 17.77
CA ASP A 65 -4.52 -8.42 18.72
C ASP A 65 -5.58 -7.34 18.59
N ALA A 66 -6.85 -7.74 18.64
CA ALA A 66 -7.92 -6.74 18.56
C ALA A 66 -7.80 -5.64 19.61
N GLU A 67 -7.32 -5.98 20.82
CA GLU A 67 -7.21 -4.97 21.87
C GLU A 67 -6.15 -3.91 21.55
N TRP A 68 -5.13 -4.28 20.78
CA TRP A 68 -4.08 -3.34 20.40
C TRP A 68 -4.60 -2.47 19.27
N VAL A 69 -5.32 -3.06 18.32
CA VAL A 69 -5.93 -2.25 17.27
C VAL A 69 -6.91 -1.26 17.89
N GLU A 70 -7.67 -1.66 18.90
CA GLU A 70 -8.55 -0.75 19.63
C GLU A 70 -7.78 0.40 20.28
N ALA A 71 -6.65 0.09 20.93
CA ALA A 71 -5.81 1.16 21.50
C ALA A 71 -5.31 2.11 20.40
N ALA A 72 -4.98 1.55 19.23
CA ALA A 72 -4.52 2.36 18.11
C ALA A 72 -5.65 3.28 17.62
N ARG A 73 -6.86 2.75 17.53
CA ARG A 73 -8.02 3.55 17.14
C ARG A 73 -8.23 4.72 18.09
N ASN A 74 -8.19 4.44 19.38
CA ASN A 74 -8.34 5.49 20.39
C ASN A 74 -7.21 6.51 20.32
N ALA A 75 -5.98 6.04 20.11
CA ALA A 75 -4.82 6.92 20.04
C ALA A 75 -4.85 7.80 18.79
N TRP A 76 -5.39 7.28 17.69
CA TRP A 76 -5.53 8.10 16.49
C TRP A 76 -6.27 9.41 16.81
N HIS A 77 -7.31 9.32 17.64
CA HIS A 77 -8.11 10.49 17.92
C HIS A 77 -7.44 11.52 18.81
N ALA A 78 -6.28 11.18 19.36
CA ALA A 78 -5.41 12.16 20.05
C ALA A 78 -4.51 12.96 19.08
N TRP A 79 -4.40 12.53 17.81
CA TRP A 79 -3.56 13.25 16.85
C TRP A 79 -4.01 14.70 16.67
N PRO A 80 -3.10 15.59 16.28
CA PRO A 80 -3.52 16.96 15.99
C PRO A 80 -4.62 17.04 14.93
N ALA A 81 -5.55 17.96 15.14
CA ALA A 81 -6.67 18.14 14.22
C ALA A 81 -6.22 18.44 12.80
N THR A 82 -5.11 19.16 12.66
CA THR A 82 -4.58 19.48 11.33
C THR A 82 -4.37 18.22 10.49
N LEU A 83 -3.73 17.22 11.08
CA LEU A 83 -3.41 15.97 10.36
C LEU A 83 -4.66 15.13 10.14
N ARG A 84 -5.55 15.10 11.14
CA ARG A 84 -6.81 14.37 10.99
C ARG A 84 -7.65 14.97 9.86
N ARG A 85 -7.64 16.30 9.76
CA ARG A 85 -8.30 16.99 8.65
C ARG A 85 -7.65 16.69 7.30
N ASP A 86 -6.32 16.65 7.25
CA ASP A 86 -5.61 16.33 6.01
C ASP A 86 -5.98 14.92 5.51
N LEU A 87 -5.96 13.95 6.42
CA LEU A 87 -6.29 12.58 6.04
C LEU A 87 -7.76 12.46 5.62
N ALA A 88 -8.67 13.12 6.35
CA ALA A 88 -10.08 13.12 5.99
C ALA A 88 -10.30 13.71 4.59
N GLY A 89 -9.54 14.75 4.26
CA GLY A 89 -9.65 15.36 2.95
C GLY A 89 -9.21 14.39 1.86
N PHE A 90 -8.11 13.69 2.10
CA PHE A 90 -7.59 12.71 1.17
C PHE A 90 -8.56 11.54 0.98
N ARG A 91 -9.19 11.09 2.06
CA ARG A 91 -10.16 10.00 1.98
C ARG A 91 -11.34 10.42 1.12
N ARG A 92 -11.73 11.68 1.23
CA ARG A 92 -12.86 12.20 0.45
C ARG A 92 -12.51 12.39 -1.02
N ASP A 93 -11.29 12.83 -1.29
CA ASP A 93 -10.81 13.07 -2.65
C ASP A 93 -9.30 12.87 -2.67
N SER A 94 -8.85 11.79 -3.31
CA SER A 94 -7.41 11.47 -3.32
C SER A 94 -6.64 12.23 -4.41
N GLY A 95 -7.33 13.09 -5.14
CA GLY A 95 -6.68 14.01 -6.07
C GLY A 95 -6.23 13.38 -7.37
N PRO A 96 -5.64 14.19 -8.25
CA PRO A 96 -5.29 13.70 -9.58
C PRO A 96 -4.23 12.59 -9.62
N ASP A 97 -3.41 12.46 -8.57
CA ASP A 97 -2.42 11.39 -8.51
C ASP A 97 -2.81 10.25 -7.59
N GLY A 98 -3.94 10.39 -6.91
CA GLY A 98 -4.46 9.31 -6.07
C GLY A 98 -3.49 8.85 -5.00
N ALA A 99 -2.73 9.78 -4.44
CA ALA A 99 -1.70 9.46 -3.47
C ALA A 99 -1.36 10.67 -2.62
N ILE A 100 -0.90 10.42 -1.41
CA ILE A 100 -0.44 11.47 -0.51
C ILE A 100 0.84 10.98 0.17
N VAL A 101 1.77 11.89 0.47
CA VAL A 101 2.91 11.56 1.29
C VAL A 101 2.95 12.50 2.50
N LEU A 102 3.10 11.91 3.68
CA LEU A 102 3.28 12.67 4.93
C LEU A 102 4.74 12.51 5.32
N ARG A 103 5.38 13.60 5.75
CA ARG A 103 6.80 13.58 6.09
C ARG A 103 6.95 14.04 7.53
N GLY A 104 7.85 13.40 8.27
CA GLY A 104 8.16 13.82 9.64
C GLY A 104 7.47 12.98 10.70
N LEU A 105 7.00 11.80 10.32
CA LEU A 105 6.40 10.86 11.28
C LEU A 105 7.48 10.20 12.11
N PRO A 106 7.12 9.76 13.33
CA PRO A 106 8.16 9.23 14.21
C PRO A 106 8.58 7.83 13.81
N VAL A 107 9.88 7.63 13.70
CA VAL A 107 10.47 6.31 13.53
C VAL A 107 11.72 6.25 14.41
N ASP A 108 11.99 5.07 14.95
CA ASP A 108 13.04 4.89 15.96
C ASP A 108 14.41 4.65 15.32
N SER A 109 14.91 5.65 14.58
CA SER A 109 16.16 5.48 13.79
C SER A 109 17.35 5.02 14.62
N MET A 110 17.49 5.56 15.83
CA MET A 110 18.58 5.15 16.73
C MET A 110 18.37 3.73 17.21
N GLY A 111 17.11 3.35 17.43
CA GLY A 111 16.78 2.02 17.94
C GLY A 111 16.56 0.95 16.89
N LEU A 112 16.59 1.33 15.60
CA LEU A 112 16.31 0.38 14.52
C LEU A 112 17.40 -0.69 14.35
N PRO A 113 17.02 -1.98 14.36
CA PRO A 113 17.98 -3.04 14.14
C PRO A 113 18.37 -3.11 12.67
N PRO A 114 19.30 -4.01 12.31
CA PRO A 114 19.60 -4.21 10.89
C PRO A 114 18.36 -4.64 10.12
N THR A 115 18.30 -4.27 8.84
CA THR A 115 17.15 -4.59 8.03
C THR A 115 16.97 -6.12 7.95
N PRO A 116 15.77 -6.63 8.25
CA PRO A 116 15.52 -8.08 8.14
C PRO A 116 15.80 -8.60 6.74
N ARG A 117 16.18 -9.88 6.65
CA ARG A 117 16.63 -10.47 5.40
C ARG A 117 15.96 -11.82 5.12
N VAL A 118 14.79 -12.05 5.70
CA VAL A 118 14.02 -13.27 5.48
C VAL A 118 12.74 -12.93 4.76
N ASN A 119 12.25 -13.86 3.95
CA ASN A 119 10.97 -13.67 3.27
C ASN A 119 9.84 -13.84 4.28
N GLY A 120 8.76 -13.09 4.09
CA GLY A 120 7.61 -13.19 5.00
C GLY A 120 7.80 -12.45 6.31
N SER A 121 8.82 -11.59 6.37
CA SER A 121 9.11 -10.78 7.56
C SER A 121 7.90 -9.88 7.89
N VAL A 122 7.44 -9.92 9.14
CA VAL A 122 6.33 -9.08 9.61
C VAL A 122 6.60 -8.54 11.01
N GLN A 123 5.82 -7.53 11.42
CA GLN A 123 6.00 -6.89 12.71
C GLN A 123 4.95 -7.39 13.70
N ARG A 124 5.30 -8.45 14.44
CA ARG A 124 4.41 -9.05 15.41
C ARG A 124 4.48 -8.34 16.76
N GLU A 125 5.65 -7.79 17.09
CA GLU A 125 5.82 -7.09 18.37
C GLU A 125 5.40 -5.63 18.27
N ALA A 126 4.98 -5.07 19.39
CA ALA A 126 4.67 -3.64 19.47
C ALA A 126 5.91 -2.84 19.09
N SER A 127 5.70 -1.77 18.35
CA SER A 127 6.78 -0.92 17.90
C SER A 127 6.24 0.42 17.46
N LEU A 128 7.13 1.40 17.29
CA LEU A 128 6.75 2.73 16.83
C LEU A 128 6.15 2.68 15.40
N GLY A 129 6.75 1.88 14.53
CA GLY A 129 6.24 1.73 13.17
C GLY A 129 4.85 1.13 13.12
N ALA A 130 4.63 0.08 13.91
CA ALA A 130 3.29 -0.51 14.01
C ALA A 130 2.29 0.50 14.56
N ALA A 131 2.71 1.30 15.53
CA ALA A 131 1.84 2.30 16.14
C ALA A 131 1.40 3.32 15.10
N VAL A 132 2.35 3.89 14.38
CA VAL A 132 2.02 4.87 13.34
C VAL A 132 1.07 4.29 12.28
N LEU A 133 1.40 3.10 11.77
CA LEU A 133 0.59 2.51 10.70
C LEU A 133 -0.81 2.15 11.18
N LEU A 134 -0.94 1.54 12.35
CA LEU A 134 -2.26 1.06 12.74
C LEU A 134 -3.15 2.23 13.21
N MET A 135 -2.56 3.26 13.80
CA MET A 135 -3.33 4.47 14.12
C MET A 135 -3.89 5.09 12.83
N THR A 136 -3.04 5.26 11.84
CA THR A 136 -3.48 5.87 10.58
C THR A 136 -4.54 5.01 9.88
N ALA A 137 -4.36 3.69 9.91
CA ALA A 137 -5.35 2.79 9.31
C ALA A 137 -6.71 2.97 9.95
N CYS A 138 -6.73 3.11 11.27
CA CYS A 138 -7.99 3.32 11.98
C CYS A 138 -8.61 4.69 11.72
N GLY A 139 -7.81 5.68 11.33
CA GLY A 139 -8.31 6.98 10.90
C GLY A 139 -8.95 6.97 9.53
N LEU A 140 -8.39 6.19 8.60
CA LEU A 140 -8.90 6.12 7.23
C LEU A 140 -10.01 5.09 7.05
N GLY A 141 -10.08 4.13 7.97
CA GLY A 141 -11.03 3.03 7.86
C GLY A 141 -10.67 2.05 8.95
N ASP A 142 -10.23 0.85 8.57
CA ASP A 142 -9.65 -0.12 9.51
C ASP A 142 -8.52 -0.84 8.81
N PRO A 143 -7.56 -1.34 9.59
CA PRO A 143 -6.53 -2.15 8.96
C PRO A 143 -7.09 -3.52 8.59
N GLY A 144 -6.44 -4.17 7.65
CA GLY A 144 -6.80 -5.51 7.25
C GLY A 144 -5.64 -6.23 6.61
N ALA A 145 -5.71 -7.55 6.59
CA ALA A 145 -4.72 -8.37 5.91
C ALA A 145 -5.34 -9.67 5.47
N PHE A 146 -4.59 -10.43 4.67
CA PHE A 146 -5.12 -11.62 4.02
C PHE A 146 -4.32 -12.81 4.51
N LEU A 147 -5.02 -13.85 4.98
CA LEU A 147 -4.34 -14.99 5.61
C LEU A 147 -3.24 -15.60 4.73
N PRO A 148 -3.48 -15.77 3.43
CA PRO A 148 -2.43 -16.36 2.57
C PRO A 148 -1.24 -15.48 2.20
N GLU A 149 -1.24 -14.22 2.64
CA GLU A 149 -0.16 -13.28 2.30
C GLU A 149 0.47 -12.74 3.58
N LYS A 150 1.75 -13.02 3.78
CA LYS A 150 2.46 -12.58 4.98
CA LYS A 150 2.49 -12.61 4.98
C LYS A 150 1.74 -13.07 6.25
N ASN A 151 1.13 -14.25 6.17
CA ASN A 151 0.44 -14.87 7.29
C ASN A 151 -0.59 -13.97 7.96
N GLY A 152 -1.21 -13.09 7.18
CA GLY A 152 -2.27 -12.23 7.67
C GLY A 152 -1.84 -11.14 8.64
N ALA A 153 -0.53 -10.88 8.73
CA ALA A 153 -0.04 -9.84 9.65
C ALA A 153 -0.52 -8.46 9.21
N LEU A 154 -0.90 -7.64 10.17
CA LEU A 154 -1.37 -6.29 9.84
C LEU A 154 -0.25 -5.34 9.43
N VAL A 155 0.97 -5.60 9.90
CA VAL A 155 2.11 -4.75 9.60
C VAL A 155 3.20 -5.63 8.98
N GLN A 156 3.50 -5.39 7.71
CA GLN A 156 4.34 -6.30 6.91
C GLN A 156 5.60 -5.59 6.44
N ASP A 157 6.73 -6.29 6.46
CA ASP A 157 7.99 -5.70 6.06
C ASP A 157 8.17 -5.77 4.56
N VAL A 158 8.71 -4.68 4.00
CA VAL A 158 9.13 -4.66 2.60
C VAL A 158 10.65 -4.53 2.62
N VAL A 159 11.35 -5.65 2.40
CA VAL A 159 12.81 -5.76 2.54
C VAL A 159 13.33 -6.75 1.51
N PRO A 160 14.50 -6.48 0.93
CA PRO A 160 15.01 -7.42 -0.08
C PRO A 160 15.59 -8.69 0.54
N VAL A 161 15.32 -9.84 -0.08
CA VAL A 161 15.77 -11.13 0.44
C VAL A 161 16.67 -11.83 -0.59
N PRO A 162 17.85 -12.31 -0.17
CA PRO A 162 18.73 -13.04 -1.09
C PRO A 162 18.02 -14.20 -1.77
N GLY A 163 18.17 -14.29 -3.09
CA GLY A 163 17.55 -15.35 -3.87
C GLY A 163 16.17 -15.01 -4.40
N MET A 164 15.57 -13.93 -3.89
CA MET A 164 14.23 -13.52 -4.30
C MET A 164 14.25 -12.31 -5.21
N GLU A 165 15.41 -12.00 -5.77
CA GLU A 165 15.60 -10.78 -6.58
C GLU A 165 14.55 -10.62 -7.69
N GLU A 166 14.19 -11.72 -8.35
CA GLU A 166 13.29 -11.67 -9.50
C GLU A 166 11.81 -11.73 -9.13
N PHE A 167 11.51 -11.79 -7.84
CA PHE A 167 10.12 -11.92 -7.38
C PHE A 167 9.37 -10.61 -7.56
N GLN A 168 8.15 -10.70 -8.10
CA GLN A 168 7.24 -9.55 -8.21
C GLN A 168 6.50 -9.36 -6.89
N GLY A 169 7.22 -8.86 -5.90
CA GLY A 169 6.68 -8.67 -4.56
C GLY A 169 7.66 -8.08 -3.58
N ASN A 170 7.28 -8.09 -2.30
CA ASN A 170 8.03 -7.44 -1.20
C ASN A 170 9.52 -7.71 -1.19
N ALA A 171 9.88 -8.97 -1.40
CA ALA A 171 11.24 -9.43 -1.23
C ALA A 171 12.14 -9.20 -2.46
N GLY A 172 11.55 -8.74 -3.56
CA GLY A 172 12.30 -8.60 -4.81
C GLY A 172 13.06 -7.28 -4.91
N SER A 173 13.96 -7.22 -5.88
CA SER A 173 14.69 -6.00 -6.19
C SER A 173 14.82 -5.73 -7.69
N THR A 174 14.22 -6.58 -8.50
CA THR A 174 14.08 -6.31 -9.93
C THR A 174 12.91 -5.34 -10.08
N LEU A 175 12.77 -4.75 -11.26
CA LEU A 175 11.66 -3.84 -11.51
C LEU A 175 10.32 -4.51 -11.15
N LEU A 176 9.55 -3.84 -10.31
CA LEU A 176 8.24 -4.31 -9.86
C LEU A 176 7.21 -3.64 -10.74
N THR A 177 6.55 -4.43 -11.57
N THR A 177 6.52 -4.44 -11.54
CA THR A 177 5.62 -3.92 -12.59
CA THR A 177 5.59 -3.94 -12.53
C THR A 177 4.35 -3.34 -11.95
C THR A 177 4.41 -3.24 -11.87
N PHE A 178 3.79 -2.31 -12.59
CA PHE A 178 2.60 -1.61 -12.08
C PHE A 178 1.44 -2.54 -11.82
N HIS A 179 0.79 -2.34 -10.67
CA HIS A 179 -0.37 -3.13 -10.29
C HIS A 179 -1.18 -2.43 -9.20
N ASN A 180 -2.48 -2.75 -9.19
CA ASN A 180 -3.30 -2.54 -8.00
C ASN A 180 -2.96 -3.68 -7.04
N GLU A 181 -2.86 -3.36 -5.75
CA GLU A 181 -2.58 -4.38 -4.74
C GLU A 181 -3.72 -5.40 -4.71
N ASN A 182 -3.36 -6.68 -4.82
CA ASN A 182 -4.29 -7.80 -4.74
C ASN A 182 -5.48 -7.58 -5.67
N ALA A 183 -5.17 -7.23 -6.93
CA ALA A 183 -6.18 -6.87 -7.92
C ALA A 183 -7.25 -7.94 -8.09
N PHE A 184 -6.85 -9.21 -7.95
CA PHE A 184 -7.79 -10.34 -8.09
C PHE A 184 -8.90 -10.36 -7.04
N HIS A 185 -8.67 -9.72 -5.90
CA HIS A 185 -9.53 -9.95 -4.72
C HIS A 185 -10.69 -8.96 -4.63
N GLU A 186 -11.87 -9.48 -4.37
CA GLU A 186 -13.09 -8.67 -4.20
C GLU A 186 -12.93 -7.60 -3.11
N HIS A 187 -12.19 -7.93 -2.06
CA HIS A 187 -11.97 -7.03 -0.94
C HIS A 187 -10.53 -6.60 -0.86
N ARG A 188 -9.93 -6.36 -2.01
CA ARG A 188 -8.57 -5.84 -2.07
C ARG A 188 -8.46 -4.53 -1.31
N PRO A 189 -7.23 -4.19 -0.87
CA PRO A 189 -7.09 -2.97 -0.09
C PRO A 189 -7.68 -1.75 -0.78
N ASP A 190 -8.28 -0.87 0.00
CA ASP A 190 -8.73 0.43 -0.51
C ASP A 190 -7.58 1.43 -0.51
N PHE A 191 -6.78 1.43 0.55
CA PHE A 191 -5.51 2.16 0.58
C PHE A 191 -4.37 1.23 0.92
N VAL A 192 -3.19 1.51 0.35
CA VAL A 192 -1.96 0.84 0.73
C VAL A 192 -1.04 1.90 1.34
N MET A 193 -0.59 1.66 2.58
CA MET A 193 0.28 2.58 3.30
C MET A 193 1.66 2.00 3.42
N LEU A 194 2.68 2.81 3.08
CA LEU A 194 4.06 2.41 3.15
C LEU A 194 4.83 3.40 4.02
N LEU A 195 5.28 2.96 5.19
CA LEU A 195 6.07 3.78 6.10
C LEU A 195 7.54 3.44 5.93
N CYS A 196 8.36 4.43 5.65
CA CYS A 196 9.79 4.19 5.45
C CYS A 196 10.53 4.23 6.78
N LEU A 197 11.20 3.12 7.09
CA LEU A 197 12.06 3.04 8.27
C LEU A 197 13.51 3.36 7.93
N ARG A 198 13.95 2.86 6.77
CA ARG A 198 15.33 3.05 6.32
C ARG A 198 15.27 3.21 4.81
N ALA A 199 15.85 4.29 4.29
CA ALA A 199 15.88 4.53 2.86
C ALA A 199 16.81 3.53 2.17
N ASP A 200 16.58 3.31 0.88
CA ASP A 200 17.55 2.58 0.04
C ASP A 200 18.83 3.39 -0.02
N PRO A 201 19.92 2.89 0.58
CA PRO A 201 21.15 3.68 0.58
C PRO A 201 21.80 3.81 -0.79
N THR A 202 21.44 2.95 -1.74
CA THR A 202 22.12 2.89 -3.02
C THR A 202 21.63 3.97 -3.99
N GLY A 203 20.48 4.56 -3.71
CA GLY A 203 19.94 5.64 -4.54
C GLY A 203 19.14 5.24 -5.77
N ARG A 204 18.99 3.93 -6.01
CA ARG A 204 18.32 3.46 -7.23
C ARG A 204 16.85 3.07 -7.06
N ALA A 205 16.43 2.72 -5.84
CA ALA A 205 15.06 2.31 -5.58
C ALA A 205 14.15 3.52 -5.42
N GLY A 206 13.01 3.50 -6.11
CA GLY A 206 11.95 4.47 -5.89
C GLY A 206 10.59 3.82 -6.07
N LEU A 207 9.65 4.24 -5.23
CA LEU A 207 8.25 3.88 -5.38
C LEU A 207 7.71 4.63 -6.59
N ARG A 208 6.97 3.94 -7.45
CA ARG A 208 6.31 4.59 -8.57
C ARG A 208 4.80 4.45 -8.41
N THR A 209 4.08 5.56 -8.54
CA THR A 209 2.60 5.52 -8.49
C THR A 209 2.03 6.18 -9.75
N ALA A 210 1.01 5.56 -10.34
CA ALA A 210 0.35 6.13 -11.52
C ALA A 210 -1.17 6.05 -11.40
N CYS A 211 -1.84 7.17 -11.60
CA CYS A 211 -3.26 7.28 -11.36
C CYS A 211 -4.04 7.27 -12.66
N VAL A 212 -5.12 6.50 -12.69
CA VAL A 212 -6.01 6.46 -13.85
C VAL A 212 -6.53 7.85 -14.22
N ARG A 213 -6.61 8.76 -13.26
CA ARG A 213 -7.04 10.15 -13.53
C ARG A 213 -6.09 10.93 -14.45
N ARG A 214 -4.79 10.63 -14.36
CA ARG A 214 -3.81 11.26 -15.24
C ARG A 214 -3.83 10.65 -16.63
N VAL A 215 -4.15 9.36 -16.75
CA VAL A 215 -4.02 8.70 -18.04
C VAL A 215 -5.30 8.62 -18.86
N LEU A 216 -6.46 8.49 -18.22
CA LEU A 216 -7.72 8.30 -18.96
C LEU A 216 -7.92 9.28 -20.12
N PRO A 217 -7.71 10.59 -19.88
CA PRO A 217 -7.89 11.56 -20.99
C PRO A 217 -6.89 11.42 -22.14
N LEU A 218 -5.80 10.69 -21.93
CA LEU A 218 -4.76 10.52 -22.96
C LEU A 218 -4.91 9.25 -23.79
N LEU A 219 -5.72 8.30 -23.33
CA LEU A 219 -5.87 7.01 -24.01
C LEU A 219 -6.71 7.13 -25.27
N SER A 220 -6.42 6.29 -26.26
CA SER A 220 -7.19 6.27 -27.50
C SER A 220 -8.57 5.66 -27.25
N ASP A 221 -9.53 6.05 -28.09
CA ASP A 221 -10.90 5.57 -27.96
C ASP A 221 -10.99 4.05 -27.96
N SER A 222 -10.22 3.41 -28.84
CA SER A 222 -10.23 1.95 -28.95
C SER A 222 -9.71 1.30 -27.67
N THR A 223 -8.68 1.90 -27.07
CA THR A 223 -8.15 1.42 -25.80
C THR A 223 -9.17 1.61 -24.68
N VAL A 224 -9.77 2.80 -24.60
CA VAL A 224 -10.78 3.05 -23.56
C VAL A 224 -11.94 2.06 -23.70
N ASP A 225 -12.46 1.90 -24.93
CA ASP A 225 -13.52 0.92 -25.16
C ASP A 225 -13.11 -0.49 -24.73
N ALA A 226 -11.88 -0.90 -25.05
CA ALA A 226 -11.38 -2.21 -24.66
C ALA A 226 -11.34 -2.38 -23.14
N LEU A 227 -10.90 -1.35 -22.42
CA LEU A 227 -10.70 -1.45 -20.97
C LEU A 227 -12.01 -1.56 -20.20
N TRP A 228 -13.11 -1.10 -20.80
CA TRP A 228 -14.46 -1.25 -20.23
C TRP A 228 -15.10 -2.62 -20.53
N ALA A 229 -14.49 -3.40 -21.42
CA ALA A 229 -15.06 -4.69 -21.84
C ALA A 229 -14.56 -5.81 -20.93
N PRO A 230 -15.38 -6.85 -20.72
CA PRO A 230 -14.99 -7.97 -19.86
C PRO A 230 -14.01 -8.92 -20.55
N GLU A 231 -12.81 -8.44 -20.83
CA GLU A 231 -11.87 -9.17 -21.66
C GLU A 231 -10.50 -9.30 -21.01
N PHE A 232 -10.48 -9.31 -19.68
CA PHE A 232 -9.25 -9.40 -18.90
C PHE A 232 -9.42 -10.40 -17.75
N ARG A 233 -8.45 -11.29 -17.61
CA ARG A 233 -8.49 -12.32 -16.58
C ARG A 233 -7.33 -12.12 -15.60
N THR A 234 -7.66 -11.90 -14.32
CA THR A 234 -6.65 -11.76 -13.27
C THR A 234 -6.85 -12.88 -12.24
N ALA A 235 -6.16 -14.01 -12.45
CA ALA A 235 -6.37 -15.17 -11.60
C ALA A 235 -5.69 -14.96 -10.24
N PRO A 236 -6.22 -15.57 -9.18
CA PRO A 236 -5.57 -15.41 -7.87
C PRO A 236 -4.20 -16.05 -7.88
N PRO A 237 -3.29 -15.57 -7.02
CA PRO A 237 -2.00 -16.24 -6.94
C PRO A 237 -2.18 -17.67 -6.39
N PRO A 238 -1.24 -18.57 -6.71
CA PRO A 238 -1.32 -19.95 -6.20
C PRO A 238 -1.50 -20.08 -4.67
N SER A 239 -0.96 -19.14 -3.89
CA SER A 239 -1.08 -19.15 -2.41
C SER A 239 -2.51 -19.05 -1.88
N PHE A 240 -3.41 -18.42 -2.65
CA PHE A 240 -4.82 -18.26 -2.29
C PHE A 240 -5.68 -19.44 -2.76
N GLN A 241 -5.05 -20.61 -2.89
CA GLN A 241 -5.70 -21.90 -3.17
C GLN A 241 -5.53 -22.23 -4.65
N ALA A 248 -13.16 -15.28 -13.62
CA ALA A 248 -13.90 -15.00 -14.85
C ALA A 248 -13.40 -13.70 -15.48
N PRO A 249 -13.50 -13.58 -16.83
CA PRO A 249 -13.05 -12.36 -17.49
C PRO A 249 -13.87 -11.15 -17.06
N ALA A 250 -13.20 -10.03 -16.82
CA ALA A 250 -13.85 -8.83 -16.30
C ALA A 250 -13.15 -7.59 -16.86
N PRO A 251 -13.80 -6.43 -16.76
CA PRO A 251 -13.18 -5.18 -17.20
C PRO A 251 -12.07 -4.70 -16.30
N VAL A 252 -11.21 -3.84 -16.85
CA VAL A 252 -10.19 -3.14 -16.08
C VAL A 252 -10.78 -1.88 -15.46
N LEU A 253 -11.59 -1.15 -16.22
CA LEU A 253 -12.22 0.08 -15.71
C LEU A 253 -13.56 -0.25 -15.07
N LEU A 254 -13.85 0.45 -13.97
CA LEU A 254 -15.03 0.21 -13.14
C LEU A 254 -15.68 1.52 -12.75
N GLY A 255 -17.01 1.53 -12.66
CA GLY A 255 -17.72 2.68 -12.11
C GLY A 255 -18.03 3.80 -13.10
N ASP A 256 -17.73 5.02 -12.70
CA ASP A 256 -18.10 6.21 -13.50
C ASP A 256 -17.24 6.30 -14.75
N ARG A 257 -17.82 6.81 -15.83
CA ARG A 257 -17.11 6.86 -17.10
C ARG A 257 -16.03 7.92 -17.16
N SER A 258 -16.19 9.01 -16.41
CA SER A 258 -15.20 10.08 -16.38
C SER A 258 -14.21 9.94 -15.24
N ASP A 259 -14.66 9.35 -14.13
CA ASP A 259 -13.84 9.16 -12.92
C ASP A 259 -13.92 7.69 -12.47
N PRO A 260 -13.45 6.76 -13.33
CA PRO A 260 -13.53 5.35 -12.97
C PRO A 260 -12.54 4.92 -11.88
N ASP A 261 -12.86 3.80 -11.22
CA ASP A 261 -11.85 3.02 -10.52
C ASP A 261 -11.21 2.08 -11.53
N LEU A 262 -10.11 1.43 -11.15
CA LEU A 262 -9.57 0.36 -11.99
C LEU A 262 -9.07 -0.85 -11.20
N ARG A 263 -8.90 -1.94 -11.91
CA ARG A 263 -8.46 -3.20 -11.34
C ARG A 263 -7.55 -3.88 -12.36
N VAL A 264 -6.25 -3.81 -12.13
CA VAL A 264 -5.29 -4.36 -13.08
C VAL A 264 -3.97 -4.71 -12.40
N ASP A 265 -3.32 -5.75 -12.92
CA ASP A 265 -1.95 -6.09 -12.51
C ASP A 265 -1.22 -6.40 -13.80
N LEU A 266 -0.26 -5.55 -14.18
CA LEU A 266 0.38 -5.71 -15.49
C LEU A 266 1.23 -6.99 -15.57
N ALA A 267 1.53 -7.61 -14.43
CA ALA A 267 2.22 -8.89 -14.39
C ALA A 267 1.27 -10.08 -14.47
N ALA A 268 0.11 -9.98 -13.82
CA ALA A 268 -0.81 -11.10 -13.64
C ALA A 268 -2.01 -11.05 -14.60
N THR A 269 -2.49 -9.84 -14.92
CA THR A 269 -3.70 -9.71 -15.75
C THR A 269 -3.42 -10.18 -17.18
N GLU A 270 -4.24 -11.10 -17.66
CA GLU A 270 -4.09 -11.70 -18.99
C GLU A 270 -5.22 -11.19 -19.89
N PRO A 271 -4.85 -10.65 -21.08
CA PRO A 271 -5.88 -10.24 -22.04
C PRO A 271 -6.49 -11.46 -22.71
N VAL A 272 -7.81 -11.43 -22.93
CA VAL A 272 -8.54 -12.54 -23.54
C VAL A 272 -8.77 -12.31 -25.04
N THR A 273 -8.56 -11.06 -25.49
CA THR A 273 -8.69 -10.70 -26.90
C THR A 273 -7.48 -9.88 -27.35
N GLU A 274 -7.31 -9.70 -28.65
CA GLU A 274 -6.20 -8.89 -29.17
C GLU A 274 -6.35 -7.41 -28.81
N ARG A 275 -7.56 -6.87 -28.89
CA ARG A 275 -7.78 -5.48 -28.55
C ARG A 275 -7.45 -5.24 -27.07
N ALA A 276 -7.76 -6.22 -26.22
CA ALA A 276 -7.41 -6.17 -24.80
C ALA A 276 -5.90 -6.13 -24.61
N ALA A 277 -5.17 -6.96 -25.35
CA ALA A 277 -3.72 -6.97 -25.30
C ALA A 277 -3.13 -5.60 -25.71
N GLU A 278 -3.64 -5.03 -26.80
CA GLU A 278 -3.20 -3.69 -27.23
C GLU A 278 -3.51 -2.64 -26.16
N ALA A 279 -4.69 -2.75 -25.55
CA ALA A 279 -5.14 -1.81 -24.51
C ALA A 279 -4.21 -1.82 -23.31
N LEU A 280 -3.80 -3.01 -22.88
CA LEU A 280 -2.85 -3.13 -21.77
C LEU A 280 -1.49 -2.53 -22.10
N ARG A 281 -1.03 -2.70 -23.34
CA ARG A 281 0.23 -2.12 -23.77
C ARG A 281 0.14 -0.59 -23.74
N GLU A 282 -0.96 -0.02 -24.22
CA GLU A 282 -1.11 1.43 -24.21
C GLU A 282 -1.25 1.97 -22.78
N LEU A 283 -1.99 1.24 -21.95
CA LEU A 283 -2.16 1.63 -20.56
C LEU A 283 -0.82 1.65 -19.83
N GLN A 284 -0.02 0.60 -19.99
CA GLN A 284 1.32 0.54 -19.42
C GLN A 284 2.18 1.73 -19.87
N ALA A 285 2.14 2.04 -21.16
CA ALA A 285 2.91 3.17 -21.69
C ALA A 285 2.56 4.48 -21.00
N HIS A 286 1.27 4.74 -20.81
CA HIS A 286 0.82 5.99 -20.19
C HIS A 286 1.06 6.02 -18.68
N PHE A 287 0.95 4.87 -18.02
CA PHE A 287 1.34 4.75 -16.61
C PHE A 287 2.81 5.13 -16.48
N ASP A 288 3.64 4.59 -17.37
CA ASP A 288 5.05 4.88 -17.30
C ASP A 288 5.31 6.37 -17.49
N ALA A 289 4.58 7.02 -18.40
CA ALA A 289 4.82 8.43 -18.73
C ALA A 289 4.38 9.39 -17.63
N THR A 290 3.34 9.02 -16.89
CA THR A 290 2.71 9.93 -15.93
C THR A 290 3.00 9.57 -14.47
N ALA A 291 3.74 8.49 -14.24
CA ALA A 291 3.99 8.02 -12.88
C ALA A 291 4.84 9.02 -12.11
N VAL A 292 4.53 9.16 -10.82
CA VAL A 292 5.35 9.94 -9.90
C VAL A 292 6.29 8.94 -9.25
N THR A 293 7.58 9.25 -9.20
CA THR A 293 8.57 8.38 -8.59
C THR A 293 9.10 9.06 -7.36
N HIS A 294 9.05 8.31 -6.24
N HIS A 294 9.06 8.39 -6.22
CA HIS A 294 9.38 8.77 -4.89
CA HIS A 294 9.70 8.99 -5.07
C HIS A 294 10.51 7.89 -4.28
C HIS A 294 10.49 7.99 -4.26
N ARG A 295 11.67 8.45 -3.90
CA ARG A 295 12.58 7.72 -3.04
C ARG A 295 12.20 8.06 -1.61
N LEU A 296 11.62 7.11 -0.89
CA LEU A 296 11.13 7.38 0.44
C LEU A 296 12.30 7.50 1.43
N LEU A 297 12.12 8.39 2.42
CA LEU A 297 13.10 8.62 3.46
C LEU A 297 12.49 8.28 4.83
N PRO A 298 13.34 8.00 5.82
CA PRO A 298 12.81 7.66 7.14
C PRO A 298 11.79 8.68 7.65
N GLY A 299 10.67 8.17 8.18
CA GLY A 299 9.61 9.03 8.69
C GLY A 299 8.61 9.48 7.65
N GLU A 300 8.79 9.03 6.40
CA GLU A 300 7.83 9.34 5.34
C GLU A 300 6.83 8.21 5.22
N LEU A 301 5.56 8.59 5.07
CA LEU A 301 4.45 7.66 4.93
C LEU A 301 3.73 7.97 3.61
N ALA A 302 3.79 7.03 2.67
CA ALA A 302 3.10 7.16 1.39
C ALA A 302 1.79 6.41 1.52
N ILE A 303 0.70 7.03 1.10
CA ILE A 303 -0.62 6.38 1.12
C ILE A 303 -1.16 6.43 -0.30
N VAL A 304 -1.38 5.25 -0.86
CA VAL A 304 -1.83 5.09 -2.24
C VAL A 304 -3.31 4.68 -2.24
N ASP A 305 -4.14 5.39 -3.00
CA ASP A 305 -5.53 5.04 -3.18
C ASP A 305 -5.59 3.94 -4.22
N ASN A 306 -5.79 2.73 -3.74
CA ASN A 306 -5.72 1.53 -4.56
C ASN A 306 -6.93 1.34 -5.47
N ARG A 307 -7.95 2.20 -5.32
CA ARG A 307 -9.10 2.19 -6.23
C ARG A 307 -8.76 2.85 -7.58
N VAL A 308 -7.83 3.82 -7.57
CA VAL A 308 -7.56 4.65 -8.74
C VAL A 308 -6.08 4.70 -9.14
N THR A 309 -5.20 4.13 -8.32
CA THR A 309 -3.76 4.27 -8.53
C THR A 309 -3.07 2.92 -8.45
N VAL A 310 -2.27 2.62 -9.46
CA VAL A 310 -1.38 1.47 -9.48
C VAL A 310 -0.01 1.88 -8.96
N HIS A 311 0.76 0.91 -8.46
CA HIS A 311 2.12 1.20 -8.03
C HIS A 311 3.09 0.14 -8.49
N GLY A 312 4.35 0.55 -8.50
CA GLY A 312 5.48 -0.30 -8.84
C GLY A 312 6.73 0.22 -8.17
N ARG A 313 7.87 -0.29 -8.59
CA ARG A 313 9.12 0.06 -7.95
C ARG A 313 10.25 -0.15 -8.92
N THR A 314 11.23 0.74 -8.91
CA THR A 314 12.41 0.58 -9.77
C THR A 314 13.32 -0.54 -9.26
N GLU A 315 14.18 -1.02 -10.14
CA GLU A 315 15.17 -2.04 -9.81
C GLU A 315 16.29 -1.43 -8.97
N PHE A 316 16.84 -2.23 -8.06
CA PHE A 316 18.01 -1.82 -7.28
C PHE A 316 18.85 -3.04 -6.92
N THR A 317 20.09 -2.79 -6.49
CA THR A 317 20.99 -3.87 -6.12
C THR A 317 21.18 -3.87 -4.61
N PRO A 318 20.53 -4.81 -3.89
CA PRO A 318 20.71 -4.84 -2.45
C PRO A 318 22.13 -5.10 -2.00
N ARG A 319 22.49 -4.56 -0.84
CA ARG A 319 23.78 -4.83 -0.23
C ARG A 319 23.77 -6.11 0.59
N TYR A 320 22.62 -6.43 1.17
CA TYR A 320 22.46 -7.57 2.10
C TYR A 320 23.47 -7.52 3.26
N ASP A 321 23.65 -6.34 3.82
CA ASP A 321 24.56 -6.13 4.95
C ASP A 321 23.84 -5.50 6.15
N GLY A 322 22.51 -5.48 6.10
CA GLY A 322 21.69 -4.92 7.18
C GLY A 322 21.34 -3.45 7.02
N THR A 323 21.78 -2.84 5.93
CA THR A 323 21.59 -1.40 5.70
C THR A 323 20.59 -1.10 4.58
N ASP A 324 19.99 -2.12 4.00
CA ASP A 324 19.08 -1.95 2.88
C ASP A 324 17.74 -1.29 3.24
N ARG A 325 17.08 -0.84 2.17
CA ARG A 325 15.71 -0.31 2.19
CA ARG A 325 15.73 -0.28 2.24
C ARG A 325 14.79 -1.12 3.09
N TRP A 326 14.04 -0.45 3.97
CA TRP A 326 13.10 -1.11 4.87
C TRP A 326 11.85 -0.26 4.95
N LEU A 327 10.75 -0.74 4.39
CA LEU A 327 9.43 -0.14 4.60
C LEU A 327 8.59 -1.09 5.41
N GLN A 328 7.60 -0.55 6.12
CA GLN A 328 6.53 -1.37 6.67
C GLN A 328 5.20 -0.95 6.03
N ARG A 329 4.37 -1.95 5.76
CA ARG A 329 3.17 -1.79 4.98
C ARG A 329 1.95 -2.25 5.75
N THR A 330 0.89 -1.44 5.67
CA THR A 330 -0.43 -1.81 6.18
C THR A 330 -1.51 -1.45 5.16
N PHE A 331 -2.44 -2.37 4.98
CA PHE A 331 -3.61 -2.18 4.14
C PHE A 331 -4.76 -1.58 4.92
N VAL A 332 -5.54 -0.71 4.26
CA VAL A 332 -6.74 -0.14 4.84
C VAL A 332 -7.97 -0.53 4.04
N LEU A 333 -9.01 -0.94 4.77
CA LEU A 333 -10.33 -1.18 4.24
C LEU A 333 -11.23 -0.03 4.69
N THR A 334 -11.80 0.67 3.71
CA THR A 334 -12.66 1.81 4.00
C THR A 334 -13.98 1.43 4.64
N ASP A 335 -14.45 0.21 4.40
CA ASP A 335 -15.68 -0.29 5.02
C ASP A 335 -15.47 -1.76 5.41
N LEU A 336 -14.88 -1.95 6.58
CA LEU A 336 -14.55 -3.30 7.06
C LEU A 336 -15.77 -4.22 7.07
N ARG A 337 -16.94 -3.65 7.31
CA ARG A 337 -18.14 -4.48 7.41
C ARG A 337 -18.39 -5.35 6.17
N ARG A 338 -18.02 -4.83 5.01
CA ARG A 338 -18.34 -5.52 3.76
C ARG A 338 -17.69 -6.90 3.63
N SER A 339 -16.58 -7.13 4.33
CA SER A 339 -15.84 -8.38 4.26
C SER A 339 -16.09 -9.30 5.44
N ARG A 340 -17.15 -9.04 6.22
CA ARG A 340 -17.42 -9.84 7.42
C ARG A 340 -17.46 -11.35 7.16
N ALA A 341 -18.02 -11.77 6.02
CA ALA A 341 -18.10 -13.18 5.67
C ALA A 341 -16.73 -13.84 5.54
N MET A 342 -15.70 -13.04 5.30
CA MET A 342 -14.32 -13.54 5.20
C MET A 342 -13.47 -13.34 6.47
N ARG A 343 -14.06 -12.80 7.53
CA ARG A 343 -13.33 -12.42 8.75
C ARG A 343 -13.85 -13.13 9.98
N PRO A 344 -13.37 -14.35 10.26
CA PRO A 344 -13.84 -15.08 11.42
C PRO A 344 -13.75 -14.25 12.71
N ALA A 345 -14.77 -14.38 13.55
CA ALA A 345 -14.85 -13.67 14.82
C ALA A 345 -14.81 -12.14 14.67
N ASP A 346 -15.17 -11.65 13.49
CA ASP A 346 -15.13 -10.21 13.21
C ASP A 346 -13.72 -9.67 13.43
N GLY A 347 -12.71 -10.45 13.05
CA GLY A 347 -11.33 -10.03 13.16
C GLY A 347 -10.86 -9.22 11.97
N TYR A 348 -9.55 -9.05 11.86
CA TYR A 348 -8.95 -8.20 10.83
C TYR A 348 -8.26 -9.00 9.73
N VAL A 349 -8.36 -10.32 9.79
CA VAL A 349 -7.68 -11.19 8.83
C VAL A 349 -8.72 -11.84 7.92
N LEU A 350 -8.63 -11.54 6.63
CA LEU A 350 -9.55 -12.03 5.63
C LEU A 350 -9.06 -13.36 5.07
N GLY A 351 -9.96 -14.34 5.05
CA GLY A 351 -9.67 -15.63 4.42
C GLY A 351 -10.74 -15.92 3.39
N ALA A 352 -11.12 -17.19 3.28
CA ALA A 352 -12.10 -17.61 2.29
C ALA A 352 -13.51 -17.28 2.73
N ALA A 353 -14.37 -16.98 1.75
CA ALA A 353 -15.82 -17.03 1.98
C ALA A 353 -16.32 -18.29 1.30
N PRO A 354 -17.62 -18.61 1.45
CA PRO A 354 -18.58 -18.12 2.42
C PRO A 354 -18.79 -19.16 3.53
NA NA B . 2.04 -3.79 -4.19
C ACY C . 5.16 -14.53 10.95
O ACY C . 4.13 -14.79 10.30
OXT ACY C . 5.18 -14.02 12.10
CH3 ACY C . 6.47 -14.86 10.31
#